data_5D6T
#
_entry.id   5D6T
#
_cell.length_a   44.740
_cell.length_b   58.880
_cell.length_c   96.790
_cell.angle_alpha   90.00
_cell.angle_beta   90.00
_cell.angle_gamma   90.00
#
_symmetry.space_group_name_H-M   'P 21 21 21'
#
loop_
_entity.id
_entity.type
_entity.pdbx_description
1 polymer SPHERULIN-4
2 non-polymer 'CHLORIDE ION'
3 non-polymer 'SULFATE ION'
4 non-polymer 2-acetamido-2-deoxy-beta-D-galactopyranose
5 water water
#
_entity_poly.entity_id   1
_entity_poly.type   'polypeptide(L)'
_entity_poly.pdbx_seq_one_letter_code
;MGSSHHHHHHSSGLVPRGSHMMGPKSKVFVPLYVYPAPGAWDPLEDVISKHPDVNFTVVINPGSGPGPEALPDGNYTREI
PKLASYENVRLLGYVATTYAKRNISEVRRDIETYAAWPTQSSNANLAVRGIFFDETPQQYDADILAYLRELTDVVKGTSG
LGPDHYVVHNPGAIPDSRYLSTADSTVVFEATYATFQERHGAELFDTIPDSHRDQLCAVIHSVPTSVEGSDLRGLVKQVR
QVADEIFITHLETDYYAGFGGQWSEFVDLMAS
;
_entity_poly.pdbx_strand_id   A
#
loop_
_chem_comp.id
_chem_comp.type
_chem_comp.name
_chem_comp.formula
CL non-polymer 'CHLORIDE ION' 'Cl -1'
NGA D-saccharide, beta linking 2-acetamido-2-deoxy-beta-D-galactopyranose 'C8 H15 N O6'
SO4 non-polymer 'SULFATE ION' 'O4 S -2'
#
# COMPACT_ATOMS: atom_id res chain seq x y z
N HIS A 20 4.99 -28.13 3.87
CA HIS A 20 5.31 -27.62 5.20
C HIS A 20 6.10 -26.32 5.14
N MET A 21 5.92 -25.55 4.08
CA MET A 21 6.55 -24.24 3.93
C MET A 21 5.45 -23.21 3.74
N MET A 22 5.83 -21.94 3.66
CA MET A 22 4.82 -20.88 3.56
C MET A 22 4.52 -20.48 2.12
N GLY A 23 5.20 -21.10 1.15
CA GLY A 23 5.00 -20.76 -0.24
C GLY A 23 5.70 -19.46 -0.60
N PRO A 24 5.28 -18.82 -1.71
CA PRO A 24 5.95 -17.62 -2.21
C PRO A 24 6.02 -16.52 -1.16
N LYS A 25 7.15 -15.82 -1.10
CA LYS A 25 7.30 -14.69 -0.20
C LYS A 25 6.49 -13.49 -0.69
N SER A 26 5.89 -12.76 0.25
CA SER A 26 5.17 -11.54 -0.08
C SER A 26 5.77 -10.36 0.68
N LYS A 27 5.54 -9.15 0.19
CA LYS A 27 5.83 -7.94 0.94
C LYS A 27 4.71 -7.60 1.93
N VAL A 28 5.07 -6.97 3.04
CA VAL A 28 4.08 -6.43 3.96
C VAL A 28 3.62 -5.07 3.45
N PHE A 29 2.33 -4.95 3.17
CA PHE A 29 1.75 -3.71 2.68
C PHE A 29 1.08 -3.01 3.84
N VAL A 30 1.41 -1.74 4.03
CA VAL A 30 0.91 -1.01 5.19
C VAL A 30 0.27 0.30 4.78
N PRO A 31 -1.07 0.35 4.85
CA PRO A 31 -1.76 1.64 4.69
C PRO A 31 -1.62 2.36 6.03
N LEU A 32 -0.59 3.18 6.15
CA LEU A 32 -0.25 3.75 7.45
C LEU A 32 -0.91 5.11 7.65
N TYR A 33 -2.20 5.10 7.98
CA TYR A 33 -2.93 6.35 8.13
C TYR A 33 -3.12 6.66 9.63
N VAL A 34 -2.21 6.13 10.43
CA VAL A 34 -2.03 6.51 11.81
C VAL A 34 -1.43 7.92 11.83
N TYR A 35 -2.04 8.86 12.54
CA TYR A 35 -1.40 10.18 12.63
C TYR A 35 -0.07 10.06 13.41
N PRO A 36 1.01 10.63 12.86
CA PRO A 36 2.36 10.49 13.44
C PRO A 36 2.63 11.30 14.72
N ALA A 37 1.78 11.14 15.73
CA ALA A 37 2.09 11.65 17.07
C ALA A 37 3.34 10.92 17.56
N PRO A 38 4.07 11.55 18.51
CA PRO A 38 5.23 10.84 19.08
C PRO A 38 4.87 9.43 19.55
N GLY A 39 5.60 8.45 19.05
CA GLY A 39 5.43 7.06 19.44
C GLY A 39 4.43 6.28 18.61
N ALA A 40 3.55 6.99 17.90
CA ALA A 40 2.44 6.34 17.21
C ALA A 40 2.90 5.30 16.17
N TRP A 41 4.07 5.53 15.59
CA TRP A 41 4.52 4.65 14.53
C TRP A 41 5.49 3.59 15.07
N ASP A 42 5.73 3.62 16.38
CA ASP A 42 6.64 2.67 17.01
C ASP A 42 6.34 1.18 16.69
N PRO A 43 5.05 0.76 16.70
CA PRO A 43 4.79 -0.64 16.34
C PRO A 43 5.25 -1.04 14.94
N LEU A 44 5.19 -0.13 13.98
CA LEU A 44 5.70 -0.42 12.66
C LEU A 44 7.23 -0.43 12.66
N GLU A 45 7.85 0.56 13.31
CA GLU A 45 9.31 0.62 13.33
C GLU A 45 9.89 -0.63 14.00
N ASP A 46 9.27 -1.07 15.08
CA ASP A 46 9.69 -2.30 15.77
C ASP A 46 9.76 -3.51 14.84
N VAL A 47 8.71 -3.76 14.05
CA VAL A 47 8.71 -4.96 13.22
C VAL A 47 9.63 -4.80 12.00
N ILE A 48 9.73 -3.58 11.48
CA ILE A 48 10.74 -3.29 10.45
C ILE A 48 12.13 -3.63 10.96
N SER A 49 12.41 -3.20 12.19
CA SER A 49 13.70 -3.42 12.83
C SER A 49 13.96 -4.90 13.10
N LYS A 50 12.93 -5.61 13.53
CA LYS A 50 13.04 -7.03 13.87
C LYS A 50 13.23 -7.90 12.63
N HIS A 51 12.76 -7.41 11.50
CA HIS A 51 12.73 -8.23 10.29
C HIS A 51 13.36 -7.50 9.12
N PRO A 52 14.69 -7.32 9.16
CA PRO A 52 15.34 -6.61 8.05
C PRO A 52 15.20 -7.36 6.73
N ASP A 53 14.90 -8.65 6.78
CA ASP A 53 14.74 -9.46 5.58
C ASP A 53 13.38 -9.27 4.92
N VAL A 54 12.42 -8.74 5.67
CA VAL A 54 11.09 -8.50 5.14
C VAL A 54 11.04 -7.15 4.43
N ASN A 55 10.37 -7.11 3.28
CA ASN A 55 10.15 -5.86 2.56
C ASN A 55 8.82 -5.23 2.94
N PHE A 56 8.85 -3.95 3.27
CA PHE A 56 7.63 -3.22 3.64
C PHE A 56 7.29 -2.14 2.60
N THR A 57 6.04 -2.15 2.16
CA THR A 57 5.49 -1.08 1.32
C THR A 57 4.54 -0.27 2.19
N VAL A 58 4.90 0.99 2.43
CA VAL A 58 4.23 1.81 3.44
C VAL A 58 3.64 3.08 2.81
N VAL A 59 2.32 3.16 2.77
CA VAL A 59 1.63 4.34 2.25
C VAL A 59 1.39 5.35 3.36
N ILE A 60 1.84 6.59 3.14
CA ILE A 60 1.53 7.65 4.08
C ILE A 60 0.59 8.65 3.40
N ASN A 61 -0.13 9.41 4.22
CA ASN A 61 -1.30 10.14 3.76
C ASN A 61 -1.62 11.31 4.70
N PRO A 62 -0.89 12.42 4.56
CA PRO A 62 -1.11 13.57 5.45
C PRO A 62 -2.53 14.10 5.42
N GLY A 63 -3.16 14.18 4.25
CA GLY A 63 -4.53 14.67 4.19
C GLY A 63 -5.19 14.36 2.86
N SER A 64 -5.51 13.08 2.65
CA SER A 64 -5.99 12.60 1.36
C SER A 64 -5.11 13.16 0.24
N GLY A 65 -3.81 13.02 0.44
CA GLY A 65 -2.81 13.64 -0.41
C GLY A 65 -1.75 14.29 0.47
N PRO A 66 -0.80 15.00 -0.15
CA PRO A 66 0.35 15.56 0.59
C PRO A 66 -0.01 16.79 1.45
N GLY A 67 -1.22 17.30 1.29
CA GLY A 67 -1.65 18.49 2.01
C GLY A 67 -1.60 19.73 1.15
N PRO A 68 -2.14 20.85 1.64
CA PRO A 68 -2.28 22.08 0.87
C PRO A 68 -0.99 22.89 0.71
N GLU A 69 0.08 22.51 1.41
CA GLU A 69 1.33 23.26 1.32
C GLU A 69 2.43 22.39 0.73
N ALA A 70 3.62 22.97 0.60
CA ALA A 70 4.72 22.24 -0.02
C ALA A 70 5.22 21.12 0.87
N LEU A 71 5.05 21.27 2.17
CA LEU A 71 5.56 20.30 3.13
C LEU A 71 4.47 19.88 4.11
N PRO A 72 4.57 18.64 4.63
CA PRO A 72 3.60 18.20 5.64
C PRO A 72 3.93 18.77 7.02
N ASP A 73 3.17 18.44 8.07
CA ASP A 73 3.37 19.15 9.33
C ASP A 73 4.57 18.59 10.09
N GLY A 74 4.88 19.20 11.23
CA GLY A 74 6.07 18.90 12.00
C GLY A 74 6.20 17.45 12.43
N ASN A 75 5.07 16.81 12.67
CA ASN A 75 5.07 15.42 13.09
C ASN A 75 5.45 14.51 11.93
N TYR A 76 4.84 14.75 10.77
CA TYR A 76 5.21 14.04 9.55
C TYR A 76 6.68 14.26 9.20
N THR A 77 7.14 15.50 9.30
CA THR A 77 8.50 15.81 8.87
C THR A 77 9.54 15.18 9.81
N ARG A 78 9.14 14.91 11.06
CA ARG A 78 9.99 14.21 12.00
C ARG A 78 9.98 12.69 11.80
N GLU A 79 8.79 12.13 11.59
CA GLU A 79 8.63 10.68 11.63
C GLU A 79 8.91 10.00 10.30
N ILE A 80 8.56 10.66 9.19
CA ILE A 80 8.77 10.04 7.88
C ILE A 80 10.24 9.70 7.63
N PRO A 81 11.17 10.64 7.92
CA PRO A 81 12.58 10.29 7.70
C PRO A 81 13.08 9.09 8.54
N LYS A 82 12.49 8.85 9.70
CA LYS A 82 12.87 7.71 10.54
C LYS A 82 12.51 6.39 9.84
N LEU A 83 11.36 6.38 9.16
CA LEU A 83 10.93 5.21 8.39
C LEU A 83 11.74 5.09 7.10
N ALA A 84 12.02 6.23 6.48
CA ALA A 84 12.75 6.21 5.22
C ALA A 84 14.18 5.72 5.41
N SER A 85 14.69 5.82 6.64
CA SER A 85 16.07 5.43 6.92
C SER A 85 16.29 3.91 6.87
N TYR A 86 15.21 3.14 6.77
CA TYR A 86 15.35 1.69 6.70
C TYR A 86 15.35 1.22 5.25
N GLU A 87 16.34 0.40 4.90
CA GLU A 87 16.51 -0.03 3.52
C GLU A 87 15.36 -0.93 3.06
N ASN A 88 14.73 -1.64 3.99
CA ASN A 88 13.65 -2.55 3.63
C ASN A 88 12.26 -1.89 3.68
N VAL A 89 12.25 -0.56 3.73
CA VAL A 89 11.01 0.22 3.66
C VAL A 89 10.90 0.94 2.33
N ARG A 90 9.75 0.80 1.69
CA ARG A 90 9.42 1.57 0.49
C ARG A 90 8.18 2.45 0.76
N LEU A 91 8.43 3.74 0.97
CA LEU A 91 7.35 4.69 1.25
C LEU A 91 6.69 5.17 -0.03
N LEU A 92 5.36 5.30 0.01
CA LEU A 92 4.57 5.81 -1.11
C LEU A 92 3.67 6.96 -0.65
N GLY A 93 3.48 7.95 -1.50
CA GLY A 93 2.53 9.02 -1.21
C GLY A 93 1.14 8.68 -1.71
N TYR A 94 0.17 8.73 -0.81
CA TYR A 94 -1.24 8.59 -1.16
C TYR A 94 -1.70 9.74 -2.05
N VAL A 95 -2.31 9.41 -3.18
CA VAL A 95 -2.98 10.38 -4.03
C VAL A 95 -4.34 9.84 -4.49
N ALA A 96 -5.39 10.62 -4.26
CA ALA A 96 -6.74 10.21 -4.67
C ALA A 96 -7.01 10.53 -6.14
N THR A 97 -7.75 9.65 -6.81
CA THR A 97 -8.12 9.87 -8.22
C THR A 97 -9.62 9.96 -8.42
N THR A 98 -10.40 9.63 -7.39
CA THR A 98 -11.86 9.74 -7.44
C THR A 98 -12.42 8.97 -8.66
N TYR A 99 -12.00 7.73 -8.80
CA TYR A 99 -12.47 6.84 -9.89
C TYR A 99 -12.16 7.46 -11.25
N ALA A 100 -10.96 8.03 -11.33
CA ALA A 100 -10.42 8.69 -12.52
C ALA A 100 -11.27 9.89 -12.96
N LYS A 101 -12.10 10.40 -12.06
CA LYS A 101 -12.93 11.57 -12.34
C LYS A 101 -12.25 12.85 -11.88
N ARG A 102 -11.25 12.71 -11.03
CA ARG A 102 -10.53 13.87 -10.53
C ARG A 102 -9.69 14.51 -11.66
N ASN A 103 -9.75 15.83 -11.78
CA ASN A 103 -8.95 16.55 -12.77
C ASN A 103 -7.50 16.12 -12.71
N ILE A 104 -6.97 15.66 -13.84
CA ILE A 104 -5.63 15.07 -13.86
C ILE A 104 -4.55 16.09 -13.48
N SER A 105 -4.81 17.37 -13.68
CA SER A 105 -3.82 18.39 -13.28
C SER A 105 -3.72 18.45 -11.76
N GLU A 106 -4.84 18.25 -11.08
CA GLU A 106 -4.84 18.26 -9.61
C GLU A 106 -4.15 17.01 -9.07
N VAL A 107 -4.32 15.89 -9.76
CA VAL A 107 -3.62 14.65 -9.40
C VAL A 107 -2.11 14.83 -9.60
N ARG A 108 -1.75 15.41 -10.75
CA ARG A 108 -0.36 15.72 -11.04
C ARG A 108 0.25 16.67 -9.99
N ARG A 109 -0.52 17.67 -9.57
CA ARG A 109 -0.05 18.58 -8.51
C ARG A 109 0.36 17.80 -7.27
N ASP A 110 -0.48 16.84 -6.87
CA ASP A 110 -0.18 16.07 -5.67
C ASP A 110 1.07 15.22 -5.83
N ILE A 111 1.24 14.63 -7.01
CA ILE A 111 2.40 13.79 -7.26
C ILE A 111 3.66 14.61 -7.16
N GLU A 112 3.64 15.77 -7.81
CA GLU A 112 4.76 16.69 -7.84
C GLU A 112 5.10 17.23 -6.45
N THR A 113 4.08 17.43 -5.61
CA THR A 113 4.30 17.92 -4.26
C THR A 113 5.10 16.91 -3.42
N TYR A 114 4.65 15.66 -3.42
CA TYR A 114 5.42 14.58 -2.79
C TYR A 114 6.85 14.51 -3.33
N ALA A 115 6.97 14.57 -4.66
CA ALA A 115 8.26 14.45 -5.33
C ALA A 115 9.20 15.57 -4.90
N ALA A 116 8.66 16.76 -4.68
CA ALA A 116 9.48 17.92 -4.33
C ALA A 116 9.83 17.97 -2.84
N TRP A 117 9.28 17.06 -2.04
CA TRP A 117 9.53 17.05 -0.59
C TRP A 117 11.01 17.08 -0.17
N PRO A 118 11.87 16.23 -0.76
CA PRO A 118 13.25 16.26 -0.25
C PRO A 118 14.00 17.56 -0.57
N THR A 119 13.69 18.17 -1.71
CA THR A 119 14.38 19.38 -2.08
C THR A 119 13.72 20.60 -1.40
N GLN A 120 12.40 20.57 -1.25
CA GLN A 120 11.70 21.68 -0.58
C GLN A 120 12.04 21.75 0.91
N SER A 121 12.42 20.61 1.48
CA SER A 121 12.76 20.53 2.89
C SER A 121 14.25 20.60 3.19
N SER A 122 15.09 20.43 2.17
CA SER A 122 16.53 20.21 2.35
C SER A 122 16.81 19.00 3.23
N ASN A 123 15.88 18.05 3.23
CA ASN A 123 16.06 16.79 3.96
C ASN A 123 15.90 15.64 2.98
N ALA A 124 17.02 15.00 2.65
CA ALA A 124 17.05 13.89 1.70
C ALA A 124 16.10 12.75 2.10
N ASN A 125 15.93 12.56 3.40
CA ASN A 125 15.10 11.45 3.90
C ASN A 125 13.62 11.81 4.08
N LEU A 126 13.27 13.07 3.85
CA LEU A 126 11.86 13.42 3.79
C LEU A 126 11.42 13.23 2.35
N ALA A 127 11.09 12.00 2.02
CA ALA A 127 10.81 11.62 0.63
C ALA A 127 10.01 10.32 0.56
N VAL A 128 9.36 10.12 -0.58
CA VAL A 128 8.70 8.85 -0.86
C VAL A 128 9.29 8.26 -2.14
N ARG A 129 9.05 6.97 -2.36
CA ARG A 129 9.64 6.25 -3.50
C ARG A 129 8.61 5.85 -4.53
N GLY A 130 7.47 6.52 -4.52
CA GLY A 130 6.42 6.23 -5.48
C GLY A 130 5.10 6.74 -4.97
N ILE A 131 4.03 6.39 -5.66
CA ILE A 131 2.71 6.94 -5.42
C ILE A 131 1.68 5.81 -5.31
N PHE A 132 0.81 5.92 -4.32
CA PHE A 132 -0.33 5.03 -4.15
C PHE A 132 -1.59 5.75 -4.66
N PHE A 133 -2.12 5.32 -5.80
CA PHE A 133 -3.29 5.96 -6.38
C PHE A 133 -4.56 5.30 -5.84
N ASP A 134 -5.32 6.03 -5.02
CA ASP A 134 -6.54 5.49 -4.43
C ASP A 134 -7.74 5.69 -5.36
N GLU A 135 -8.72 4.81 -5.19
CA GLU A 135 -10.00 4.92 -5.89
C GLU A 135 -9.85 4.82 -7.40
N THR A 136 -9.04 3.90 -7.90
CA THR A 136 -9.01 3.70 -9.36
C THR A 136 -10.26 2.89 -9.74
N PRO A 137 -10.80 3.13 -10.95
CA PRO A 137 -12.08 2.47 -11.29
C PRO A 137 -11.94 1.02 -11.77
N GLN A 138 -12.99 0.25 -11.58
CA GLN A 138 -12.99 -1.15 -12.00
C GLN A 138 -13.25 -1.32 -13.48
N GLN A 139 -14.17 -0.54 -14.00
CA GLN A 139 -14.66 -0.77 -15.34
C GLN A 139 -13.62 -0.29 -16.35
N TYR A 140 -13.46 -1.09 -17.40
CA TYR A 140 -12.55 -0.70 -18.46
C TYR A 140 -13.13 0.44 -19.28
N ASP A 141 -12.29 1.43 -19.54
CA ASP A 141 -12.62 2.50 -20.46
C ASP A 141 -11.29 2.99 -21.05
N ALA A 142 -11.22 3.14 -22.38
CA ALA A 142 -9.96 3.53 -23.01
C ALA A 142 -9.43 4.86 -22.48
N ASP A 143 -10.32 5.84 -22.30
CA ASP A 143 -9.92 7.14 -21.80
C ASP A 143 -9.37 7.04 -20.38
N ILE A 144 -9.94 6.15 -19.58
CA ILE A 144 -9.46 5.96 -18.21
C ILE A 144 -8.09 5.28 -18.20
N LEU A 145 -7.88 4.31 -19.09
CA LEU A 145 -6.55 3.71 -19.24
C LEU A 145 -5.48 4.75 -19.60
N ALA A 146 -5.82 5.67 -20.51
CA ALA A 146 -4.89 6.70 -20.95
C ALA A 146 -4.52 7.65 -19.79
N TYR A 147 -5.53 7.97 -18.98
CA TYR A 147 -5.37 8.79 -17.77
C TYR A 147 -4.37 8.13 -16.81
N LEU A 148 -4.60 6.87 -16.48
CA LEU A 148 -3.72 6.15 -15.56
C LEU A 148 -2.30 5.96 -16.11
N ARG A 149 -2.20 5.67 -17.41
CA ARG A 149 -0.88 5.52 -18.03
C ARG A 149 -0.11 6.83 -17.98
N GLU A 150 -0.80 7.96 -18.18
CA GLU A 150 -0.13 9.26 -18.07
C GLU A 150 0.38 9.47 -16.65
N LEU A 151 -0.44 9.07 -15.67
CA LEU A 151 -0.04 9.21 -14.28
C LEU A 151 1.19 8.37 -13.97
N THR A 152 1.25 7.17 -14.53
CA THR A 152 2.45 6.33 -14.37
C THR A 152 3.66 7.01 -15.00
N ASP A 153 3.50 7.57 -16.20
CA ASP A 153 4.58 8.32 -16.84
C ASP A 153 5.08 9.45 -15.94
N VAL A 154 4.15 10.17 -15.33
CA VAL A 154 4.52 11.27 -14.43
C VAL A 154 5.31 10.75 -13.22
N VAL A 155 4.83 9.67 -12.61
CA VAL A 155 5.55 9.08 -11.49
C VAL A 155 6.96 8.61 -11.89
N LYS A 156 7.06 7.89 -13.00
CA LYS A 156 8.35 7.37 -13.46
C LYS A 156 9.32 8.48 -13.87
N GLY A 157 8.78 9.60 -14.34
CA GLY A 157 9.62 10.63 -14.93
C GLY A 157 10.05 11.75 -14.00
N THR A 158 9.42 11.83 -12.83
CA THR A 158 9.64 12.95 -11.91
C THR A 158 10.73 12.70 -10.86
N SER A 159 11.70 13.62 -10.80
CA SER A 159 12.77 13.55 -9.81
C SER A 159 12.19 13.64 -8.41
N GLY A 160 12.73 12.84 -7.50
CA GLY A 160 12.29 12.91 -6.12
C GLY A 160 11.47 11.71 -5.71
N LEU A 161 11.15 10.84 -6.67
CA LEU A 161 10.33 9.66 -6.40
C LEU A 161 11.15 8.40 -6.63
N GLY A 162 12.47 8.58 -6.77
CA GLY A 162 13.36 7.49 -7.06
C GLY A 162 13.94 6.85 -5.82
N PRO A 163 14.68 5.75 -6.01
CA PRO A 163 14.91 5.15 -7.32
C PRO A 163 13.74 4.30 -7.83
N ASP A 164 12.85 3.89 -6.94
CA ASP A 164 11.81 2.93 -7.33
C ASP A 164 10.78 3.49 -8.31
N HIS A 165 10.37 4.75 -8.09
CA HIS A 165 9.26 5.33 -8.86
C HIS A 165 8.08 4.37 -8.89
N TYR A 166 7.78 3.79 -7.73
CA TYR A 166 6.79 2.71 -7.63
C TYR A 166 5.38 3.22 -7.88
N VAL A 167 4.54 2.40 -8.50
CA VAL A 167 3.15 2.77 -8.74
C VAL A 167 2.18 1.71 -8.20
N VAL A 168 1.29 2.10 -7.30
CA VAL A 168 0.23 1.21 -6.84
C VAL A 168 -1.14 1.81 -7.16
N HIS A 169 -2.06 0.98 -7.65
CA HIS A 169 -3.47 1.33 -7.86
C HIS A 169 -4.35 0.67 -6.80
N ASN A 170 -5.29 1.41 -6.24
CA ASN A 170 -6.29 0.78 -5.37
C ASN A 170 -7.73 0.93 -5.88
N PRO A 171 -8.15 -0.02 -6.73
CA PRO A 171 -9.57 -0.12 -7.13
C PRO A 171 -10.41 -0.74 -6.00
N GLY A 172 -9.76 -1.34 -5.01
CA GLY A 172 -10.46 -1.87 -3.84
C GLY A 172 -11.31 -3.07 -4.16
N ALA A 173 -11.09 -3.62 -5.35
CA ALA A 173 -11.90 -4.69 -5.92
C ALA A 173 -11.18 -5.08 -7.21
N ILE A 174 -11.63 -6.12 -7.89
CA ILE A 174 -10.89 -6.53 -9.09
C ILE A 174 -11.26 -5.65 -10.27
N PRO A 175 -10.25 -4.98 -10.88
CA PRO A 175 -10.49 -4.16 -12.06
C PRO A 175 -10.38 -5.00 -13.32
N ASP A 176 -10.79 -4.47 -14.47
CA ASP A 176 -10.51 -5.11 -15.74
C ASP A 176 -9.01 -5.36 -15.83
N SER A 177 -8.62 -6.56 -16.26
CA SER A 177 -7.21 -6.96 -16.23
C SER A 177 -6.28 -6.04 -17.04
N ARG A 178 -6.82 -5.28 -17.98
CA ARG A 178 -6.01 -4.41 -18.82
C ARG A 178 -5.33 -3.28 -18.03
N TYR A 179 -5.85 -3.01 -16.83
CA TYR A 179 -5.27 -1.97 -15.98
C TYR A 179 -4.01 -2.44 -15.24
N LEU A 180 -3.89 -3.75 -15.02
CA LEU A 180 -2.86 -4.24 -14.10
C LEU A 180 -1.42 -3.90 -14.55
N SER A 181 -1.16 -3.89 -15.84
CA SER A 181 0.20 -3.66 -16.32
C SER A 181 0.61 -2.18 -16.18
N THR A 182 -0.34 -1.30 -15.91
CA THR A 182 -0.05 0.13 -15.75
C THR A 182 0.54 0.42 -14.37
N ALA A 183 0.39 -0.51 -13.45
CA ALA A 183 0.89 -0.30 -12.10
C ALA A 183 1.85 -1.40 -11.73
N ASP A 184 2.63 -1.17 -10.70
CA ASP A 184 3.51 -2.20 -10.19
C ASP A 184 2.74 -3.14 -9.30
N SER A 185 1.74 -2.59 -8.65
CA SER A 185 0.88 -3.40 -7.81
C SER A 185 -0.53 -2.85 -7.78
N THR A 186 -1.51 -3.75 -7.77
CA THR A 186 -2.90 -3.33 -7.73
C THR A 186 -3.60 -4.01 -6.56
N VAL A 187 -4.23 -3.22 -5.71
CA VAL A 187 -5.00 -3.79 -4.60
C VAL A 187 -6.32 -4.32 -5.13
N VAL A 188 -6.42 -5.64 -5.33
CA VAL A 188 -7.58 -6.19 -6.01
C VAL A 188 -8.56 -6.79 -5.01
N PHE A 189 -8.16 -6.80 -3.74
CA PHE A 189 -9.06 -7.11 -2.65
C PHE A 189 -8.83 -6.14 -1.49
N GLU A 190 -9.91 -5.52 -1.02
CA GLU A 190 -9.85 -4.62 0.13
C GLU A 190 -11.19 -4.66 0.84
N ALA A 191 -11.34 -5.57 1.79
CA ALA A 191 -12.65 -5.79 2.42
C ALA A 191 -12.49 -6.60 3.69
N THR A 192 -13.61 -6.92 4.32
CA THR A 192 -13.58 -7.72 5.54
C THR A 192 -13.18 -9.17 5.29
N TYR A 193 -12.68 -9.81 6.35
CA TYR A 193 -12.43 -11.25 6.33
C TYR A 193 -13.70 -12.03 5.93
N ALA A 194 -14.85 -11.58 6.40
CA ALA A 194 -16.12 -12.22 6.08
C ALA A 194 -16.40 -12.17 4.57
N THR A 195 -16.11 -11.03 3.96
CA THR A 195 -16.24 -10.90 2.51
C THR A 195 -15.23 -11.80 1.76
N PHE A 196 -13.99 -11.83 2.23
CA PHE A 196 -12.97 -12.76 1.73
C PHE A 196 -13.52 -14.19 1.74
N GLN A 197 -14.10 -14.59 2.87
CA GLN A 197 -14.65 -15.93 3.01
C GLN A 197 -15.85 -16.18 2.11
N GLU A 198 -16.73 -15.19 1.97
CA GLU A 198 -17.89 -15.33 1.09
C GLU A 198 -17.45 -15.61 -0.34
N ARG A 199 -16.31 -15.06 -0.74
CA ARG A 199 -15.80 -15.20 -2.11
C ARG A 199 -14.86 -16.40 -2.26
N HIS A 200 -14.84 -17.25 -1.23
CA HIS A 200 -13.99 -18.45 -1.22
C HIS A 200 -12.50 -18.12 -1.28
N GLY A 201 -12.11 -17.03 -0.63
CA GLY A 201 -10.72 -16.76 -0.34
C GLY A 201 -9.84 -16.62 -1.56
N ALA A 202 -8.71 -17.34 -1.55
CA ALA A 202 -7.74 -17.29 -2.64
C ALA A 202 -8.34 -17.64 -4.00
N GLU A 203 -9.41 -18.43 -4.01
CA GLU A 203 -10.12 -18.78 -5.24
C GLU A 203 -10.55 -17.57 -6.05
N LEU A 204 -10.83 -16.46 -5.36
CA LEU A 204 -11.29 -15.25 -6.02
C LEU A 204 -10.22 -14.74 -6.99
N PHE A 205 -8.96 -14.90 -6.58
CA PHE A 205 -7.83 -14.42 -7.37
C PHE A 205 -7.65 -15.24 -8.63
N ASP A 206 -8.13 -16.48 -8.61
CA ASP A 206 -7.97 -17.35 -9.76
C ASP A 206 -8.86 -16.93 -10.95
N THR A 207 -9.86 -16.08 -10.69
CA THR A 207 -10.74 -15.61 -11.75
C THR A 207 -10.15 -14.46 -12.56
N ILE A 208 -9.06 -13.88 -12.07
CA ILE A 208 -8.45 -12.71 -12.71
C ILE A 208 -7.58 -13.15 -13.91
N PRO A 209 -7.99 -12.78 -15.12
CA PRO A 209 -7.22 -13.14 -16.31
C PRO A 209 -5.96 -12.26 -16.48
N ASP A 210 -4.99 -12.76 -17.26
CA ASP A 210 -3.84 -11.95 -17.66
C ASP A 210 -3.12 -11.37 -16.45
N SER A 211 -2.98 -12.16 -15.39
CA SER A 211 -2.43 -11.65 -14.15
C SER A 211 -1.46 -12.62 -13.50
N HIS A 212 -0.67 -12.08 -12.58
CA HIS A 212 0.34 -12.82 -11.84
C HIS A 212 0.32 -12.30 -10.41
N ARG A 213 0.67 -13.14 -9.45
CA ARG A 213 0.68 -12.71 -8.05
C ARG A 213 1.55 -11.47 -7.84
N ASP A 214 2.62 -11.34 -8.64
CA ASP A 214 3.53 -10.21 -8.49
C ASP A 214 2.87 -8.85 -8.77
N GLN A 215 1.74 -8.86 -9.45
CA GLN A 215 1.00 -7.64 -9.77
C GLN A 215 -0.06 -7.27 -8.75
N LEU A 216 -0.21 -8.12 -7.73
CA LEU A 216 -1.45 -8.07 -6.94
C LEU A 216 -1.20 -7.81 -5.46
N CYS A 217 -2.10 -7.03 -4.87
CA CYS A 217 -2.07 -6.73 -3.44
C CYS A 217 -3.42 -7.10 -2.80
N ALA A 218 -3.36 -7.67 -1.61
CA ALA A 218 -4.60 -7.99 -0.89
C ALA A 218 -4.64 -7.28 0.46
N VAL A 219 -5.77 -6.65 0.77
CA VAL A 219 -5.95 -6.03 2.07
C VAL A 219 -7.15 -6.68 2.78
N ILE A 220 -6.88 -7.35 3.89
CA ILE A 220 -7.95 -8.01 4.63
C ILE A 220 -8.04 -7.46 6.05
N HIS A 221 -9.13 -6.77 6.35
CA HIS A 221 -9.35 -6.31 7.70
C HIS A 221 -10.51 -7.05 8.38
N SER A 222 -10.82 -6.64 9.60
CA SER A 222 -11.95 -7.22 10.33
C SER A 222 -11.84 -8.74 10.50
N VAL A 223 -10.60 -9.25 10.59
CA VAL A 223 -10.37 -10.65 10.91
C VAL A 223 -10.74 -10.93 12.38
N PRO A 224 -11.60 -11.95 12.61
CA PRO A 224 -11.96 -12.32 13.99
C PRO A 224 -10.72 -12.66 14.82
N THR A 225 -10.69 -12.23 16.07
CA THR A 225 -9.53 -12.44 16.90
C THR A 225 -9.24 -13.95 17.05
N SER A 226 -10.25 -14.79 16.86
CA SER A 226 -10.07 -16.23 16.93
C SER A 226 -9.22 -16.81 15.79
N VAL A 227 -9.08 -16.08 14.68
CA VAL A 227 -8.15 -16.50 13.64
C VAL A 227 -6.73 -16.16 14.10
N GLU A 228 -6.14 -17.08 14.87
CA GLU A 228 -4.87 -16.85 15.55
C GLU A 228 -4.02 -18.09 15.43
N GLY A 229 -2.74 -18.00 15.83
CA GLY A 229 -1.84 -19.13 15.77
C GLY A 229 -1.85 -19.80 14.40
N SER A 230 -1.98 -21.12 14.38
CA SER A 230 -1.93 -21.85 13.12
C SER A 230 -3.06 -21.45 12.16
N ASP A 231 -4.19 -21.00 12.68
CA ASP A 231 -5.28 -20.51 11.84
C ASP A 231 -4.83 -19.29 11.03
N LEU A 232 -4.10 -18.39 11.69
CA LEU A 232 -3.57 -17.21 11.05
C LEU A 232 -2.46 -17.58 10.05
N ARG A 233 -1.61 -18.53 10.43
CA ARG A 233 -0.58 -19.03 9.51
C ARG A 233 -1.24 -19.49 8.19
N GLY A 234 -2.35 -20.22 8.32
CA GLY A 234 -3.05 -20.71 7.16
C GLY A 234 -3.55 -19.62 6.23
N LEU A 235 -4.19 -18.61 6.82
CA LEU A 235 -4.67 -17.46 6.04
C LEU A 235 -3.50 -16.76 5.34
N VAL A 236 -2.43 -16.51 6.07
CA VAL A 236 -1.27 -15.83 5.49
C VAL A 236 -0.72 -16.63 4.30
N LYS A 237 -0.59 -17.94 4.49
CA LYS A 237 -0.08 -18.81 3.43
C LYS A 237 -0.99 -18.79 2.20
N GLN A 238 -2.30 -18.89 2.44
CA GLN A 238 -3.29 -18.86 1.37
C GLN A 238 -3.17 -17.59 0.52
N VAL A 239 -2.97 -16.46 1.19
CA VAL A 239 -2.91 -15.16 0.50
C VAL A 239 -1.54 -14.96 -0.16
N ARG A 240 -0.47 -15.44 0.47
CA ARG A 240 0.86 -15.34 -0.13
C ARG A 240 0.93 -16.04 -1.48
N GLN A 241 0.14 -17.09 -1.63
CA GLN A 241 0.11 -17.83 -2.88
C GLN A 241 -0.38 -16.95 -4.04
N VAL A 242 -1.28 -16.01 -3.76
CA VAL A 242 -1.94 -15.25 -4.83
C VAL A 242 -1.63 -13.75 -4.87
N ALA A 243 -0.94 -13.23 -3.88
CA ALA A 243 -0.66 -11.78 -3.84
C ALA A 243 0.72 -11.47 -3.25
N ASP A 244 1.51 -10.66 -3.96
CA ASP A 244 2.88 -10.38 -3.56
C ASP A 244 2.98 -9.29 -2.50
N GLU A 245 1.87 -8.62 -2.22
CA GLU A 245 1.81 -7.59 -1.17
C GLU A 245 0.54 -7.82 -0.38
N ILE A 246 0.64 -7.76 0.96
CA ILE A 246 -0.44 -8.19 1.85
C ILE A 246 -0.58 -7.35 3.10
N PHE A 247 -1.81 -6.95 3.42
CA PHE A 247 -2.11 -6.36 4.71
C PHE A 247 -3.23 -7.17 5.35
N ILE A 248 -2.98 -7.69 6.55
CA ILE A 248 -4.02 -8.40 7.31
C ILE A 248 -4.09 -7.80 8.71
N THR A 249 -5.31 -7.47 9.17
CA THR A 249 -5.46 -6.91 10.50
C THR A 249 -6.74 -7.40 11.15
N HIS A 250 -6.71 -7.49 12.48
CA HIS A 250 -7.85 -7.97 13.22
C HIS A 250 -8.73 -6.83 13.73
N LEU A 251 -8.42 -5.59 13.36
CA LEU A 251 -9.28 -4.47 13.73
C LEU A 251 -10.50 -4.39 12.82
N GLU A 252 -11.66 -4.08 13.41
CA GLU A 252 -12.91 -3.87 12.67
C GLU A 252 -13.18 -2.38 12.47
N THR A 253 -12.49 -1.55 13.25
CA THR A 253 -12.65 -0.10 13.18
C THR A 253 -11.27 0.55 13.19
N ASP A 254 -11.09 1.59 12.38
CA ASP A 254 -9.79 2.28 12.28
C ASP A 254 -8.71 1.27 11.93
N TYR A 255 -9.02 0.38 11.00
CA TYR A 255 -8.08 -0.68 10.65
C TYR A 255 -6.89 -0.14 9.84
N TYR A 256 -6.95 1.11 9.41
CA TYR A 256 -5.81 1.76 8.75
C TYR A 256 -5.23 2.85 9.64
N ALA A 257 -5.79 3.01 10.83
CA ALA A 257 -5.36 4.11 11.69
C ALA A 257 -4.90 3.58 13.04
N GLY A 258 -4.56 2.31 13.11
CA GLY A 258 -4.04 1.74 14.33
C GLY A 258 -3.55 0.34 14.04
N PHE A 259 -2.85 -0.26 14.99
CA PHE A 259 -2.31 -1.60 14.77
C PHE A 259 -3.22 -2.66 15.41
N GLY A 260 -3.42 -3.75 14.68
CA GLY A 260 -4.22 -4.85 15.16
C GLY A 260 -3.52 -5.60 16.28
N GLY A 261 -4.31 -6.33 17.08
CA GLY A 261 -3.80 -7.04 18.23
C GLY A 261 -2.82 -8.16 17.89
N GLN A 262 -2.76 -8.54 16.62
CA GLN A 262 -1.84 -9.59 16.17
C GLN A 262 -0.93 -9.10 15.04
N TRP A 263 -0.64 -7.80 15.05
CA TRP A 263 0.23 -7.20 14.06
C TRP A 263 1.62 -7.86 14.01
N SER A 264 2.26 -8.02 15.17
CA SER A 264 3.58 -8.61 15.17
C SER A 264 3.55 -10.08 14.75
N GLU A 265 2.49 -10.79 15.14
CA GLU A 265 2.33 -12.18 14.73
C GLU A 265 2.15 -12.26 13.22
N PHE A 266 1.37 -11.35 12.66
CA PHE A 266 1.16 -11.32 11.21
C PHE A 266 2.51 -11.14 10.48
N VAL A 267 3.34 -10.22 10.97
CA VAL A 267 4.62 -9.94 10.31
C VAL A 267 5.58 -11.11 10.50
N ASP A 268 5.53 -11.72 11.69
CA ASP A 268 6.32 -12.92 11.94
C ASP A 268 6.01 -14.00 10.91
N LEU A 269 4.73 -14.17 10.59
CA LEU A 269 4.36 -15.16 9.60
C LEU A 269 4.82 -14.76 8.21
N MET A 270 4.76 -13.48 7.89
CA MET A 270 5.23 -13.00 6.59
C MET A 270 6.74 -13.22 6.43
N ALA A 271 7.45 -13.17 7.55
CA ALA A 271 8.89 -13.36 7.60
C ALA A 271 9.29 -14.83 7.52
N SER A 272 8.34 -15.73 7.77
CA SER A 272 8.65 -17.16 7.77
C SER A 272 8.49 -17.77 6.37
CL CL B . -11.79 -3.17 16.66
S SO4 C . -17.07 -6.85 -7.52
O1 SO4 C . -16.38 -7.82 -8.38
O2 SO4 C . -18.40 -7.36 -7.22
O3 SO4 C . -16.31 -6.67 -6.27
O4 SO4 C . -17.18 -5.56 -8.20
C1 NGA D . -9.99 3.68 1.15
C2 NGA D . -8.46 3.61 1.24
C3 NGA D . -7.82 4.47 2.33
C4 NGA D . -8.63 5.69 2.76
C5 NGA D . -10.07 5.28 2.94
C6 NGA D . -10.84 6.46 3.53
C7 NGA D . -6.71 1.88 1.33
C8 NGA D . -6.39 0.43 1.59
N2 NGA D . -8.00 2.23 1.36
O1 NGA D . -10.29 3.62 -0.23
O3 NGA D . -6.59 4.92 1.80
O4 NGA D . -8.59 6.68 1.76
O5 NGA D . -10.55 4.88 1.67
O6 NGA D . -10.31 7.67 3.04
O7 NGA D . -5.80 2.66 1.10
#